data_3BXV
#
_entry.id   3BXV
#
_cell.length_a   159.130
_cell.length_b   159.130
_cell.length_c   159.130
_cell.angle_alpha   90.00
_cell.angle_beta   90.00
_cell.angle_gamma   90.00
#
_symmetry.space_group_name_H-M   'I 4 3 2'
#
loop_
_entity.id
_entity.type
_entity.pdbx_description
1 polymer 'Sulfur oxygenase/reductase'
2 non-polymer 'FE (III) ION'
3 water water
#
_entity_poly.entity_id   1
_entity_poly.type   'polypeptide(L)'
_entity_poly.pdbx_seq_one_letter_code
;MPKPYIAINMADLKNEPKTFEMFSAVGPKVCMVTARHPGFVGFQNHVQIGVLPFGERFGGAKMDMTKESSTVRVLQYTMW
KDWKDHEEMHRQNWSYLFRLCYSCASQMVWGPWEPIYEIKYADMPINTEMTDFTAVVGKKFAEGKPLEIPVISQPYGKRV
VAFGEHTVIPGKEEQFEDAIIKTLEMFKRAPGFLGAMLLKEIGVSGIGSFQFGSKGFHQLLESPGSLEPDPNNVMYQAPE
AKPTPPQYIVHVEWANLDALQFGMGRVLLSPEYREVHDEALDTLIYGPYIRIINPVMEGTFWREYLNE
;
_entity_poly.pdbx_strand_id   A
#
# COMPACT_ATOMS: atom_id res chain seq x y z
N MET A 1 -19.36 -5.91 5.81
CA MET A 1 -18.50 -5.43 4.67
C MET A 1 -17.63 -6.60 4.10
N PRO A 2 -16.40 -6.77 4.63
CA PRO A 2 -15.73 -6.12 5.74
C PRO A 2 -14.50 -5.39 5.12
N LYS A 3 -14.16 -4.25 5.71
CA LYS A 3 -13.00 -3.50 5.33
C LYS A 3 -11.95 -4.08 6.24
N PRO A 4 -10.92 -4.70 5.64
CA PRO A 4 -9.87 -5.28 6.48
C PRO A 4 -8.96 -4.14 6.96
N TYR A 5 -7.97 -4.49 7.76
CA TYR A 5 -7.00 -3.53 8.23
C TYR A 5 -5.82 -3.71 7.30
N ILE A 6 -5.03 -2.66 7.11
CA ILE A 6 -3.88 -2.76 6.23
C ILE A 6 -2.59 -2.36 6.92
N ALA A 7 -1.58 -3.19 6.76
CA ALA A 7 -0.24 -2.92 7.25
C ALA A 7 0.60 -2.68 6.01
N ILE A 8 1.41 -1.63 5.99
CA ILE A 8 2.25 -1.35 4.83
C ILE A 8 3.72 -1.36 5.20
N ASN A 9 4.43 -2.41 4.80
CA ASN A 9 5.86 -2.52 5.08
C ASN A 9 6.66 -1.70 4.05
N MET A 10 7.48 -0.77 4.53
CA MET A 10 8.27 0.11 3.64
C MET A 10 9.77 -0.04 3.88
N ALA A 11 10.51 -0.16 2.80
CA ALA A 11 11.95 -0.30 2.91
C ALA A 11 12.61 0.21 1.66
N ASP A 12 13.84 0.68 1.81
CA ASP A 12 14.61 1.15 0.67
C ASP A 12 15.75 0.18 0.48
N LEU A 13 15.93 -0.30 -0.74
CA LEU A 13 16.99 -1.27 -1.01
C LEU A 13 17.79 -0.93 -2.26
N LYS A 14 19.00 -1.48 -2.33
CA LYS A 14 19.85 -1.26 -3.51
C LYS A 14 19.13 -1.72 -4.76
N ASN A 15 19.05 -0.84 -5.74
CA ASN A 15 18.36 -1.15 -6.97
C ASN A 15 19.27 -1.90 -7.92
N GLU A 16 20.01 -2.87 -7.41
CA GLU A 16 20.83 -3.75 -8.25
C GLU A 16 20.08 -5.10 -8.39
N PRO A 17 20.67 -6.07 -9.09
CA PRO A 17 19.99 -7.36 -9.28
C PRO A 17 20.05 -8.32 -8.11
N LYS A 18 21.08 -8.24 -7.28
CA LYS A 18 21.14 -9.15 -6.13
C LYS A 18 19.85 -8.96 -5.29
N THR A 19 19.38 -7.72 -5.24
CA THR A 19 18.16 -7.35 -4.55
C THR A 19 16.93 -8.02 -5.12
N PHE A 20 16.78 -7.99 -6.44
CA PHE A 20 15.61 -8.60 -7.06
C PHE A 20 15.70 -10.12 -7.03
N GLU A 21 16.91 -10.64 -6.85
CA GLU A 21 17.10 -12.07 -6.76
C GLU A 21 16.58 -12.53 -5.41
N MET A 22 16.99 -11.83 -4.37
CA MET A 22 16.52 -12.17 -3.04
C MET A 22 14.99 -12.07 -3.00
N PHE A 23 14.43 -11.02 -3.61
CA PHE A 23 12.98 -10.82 -3.65
C PHE A 23 12.32 -12.10 -4.16
N SER A 24 12.85 -12.59 -5.28
CA SER A 24 12.38 -13.78 -5.96
C SER A 24 12.48 -15.04 -5.08
N ALA A 25 13.44 -15.05 -4.17
CA ALA A 25 13.66 -16.25 -3.33
C ALA A 25 13.00 -16.23 -1.95
N VAL A 26 12.88 -15.07 -1.31
CA VAL A 26 12.29 -15.05 0.03
C VAL A 26 10.93 -14.36 0.13
N GLY A 27 10.65 -13.48 -0.83
CA GLY A 27 9.36 -12.81 -0.87
C GLY A 27 8.28 -13.87 -0.70
N PRO A 28 8.36 -14.94 -1.48
CA PRO A 28 7.43 -16.07 -1.44
C PRO A 28 7.32 -16.68 -0.06
N LYS A 29 8.48 -16.99 0.54
CA LYS A 29 8.56 -17.59 1.86
C LYS A 29 7.92 -16.77 2.97
N VAL A 30 8.15 -15.46 2.92
CA VAL A 30 7.58 -14.55 3.91
C VAL A 30 6.06 -14.54 3.81
N CYS A 31 5.55 -14.43 2.59
CA CYS A 31 4.10 -14.39 2.38
C CYS A 31 3.45 -15.72 2.74
N MET A 32 4.22 -16.80 2.63
CA MET A 32 3.68 -18.10 3.01
C MET A 32 3.56 -18.18 4.53
N VAL A 33 4.54 -17.61 5.22
CA VAL A 33 4.56 -17.64 6.67
C VAL A 33 3.47 -16.73 7.21
N THR A 34 3.17 -15.65 6.48
CA THR A 34 2.14 -14.71 6.93
C THR A 34 0.76 -15.34 6.81
N ALA A 35 0.66 -16.36 5.96
CA ALA A 35 -0.60 -17.05 5.72
C ALA A 35 -0.83 -18.17 6.73
N ARG A 36 0.01 -18.24 7.76
CA ARG A 36 -0.15 -19.26 8.79
C ARG A 36 -1.17 -18.81 9.83
N HIS A 37 -1.68 -17.60 9.63
CA HIS A 37 -2.64 -16.98 10.52
C HIS A 37 -3.96 -16.75 9.81
N PRO A 38 -5.08 -17.17 10.42
CA PRO A 38 -6.44 -17.04 9.89
C PRO A 38 -6.94 -15.61 9.74
N GLY A 39 -6.26 -14.66 10.36
CA GLY A 39 -6.67 -13.27 10.23
C GLY A 39 -6.17 -12.71 8.91
N PHE A 40 -5.12 -13.32 8.38
CA PHE A 40 -4.57 -12.93 7.08
C PHE A 40 -5.60 -13.18 5.98
N VAL A 41 -5.87 -12.16 5.17
CA VAL A 41 -6.84 -12.31 4.10
C VAL A 41 -6.34 -11.97 2.71
N GLY A 42 -5.06 -11.65 2.59
CA GLY A 42 -4.51 -11.34 1.28
C GLY A 42 -3.51 -10.20 1.30
N PHE A 43 -2.87 -9.93 0.17
CA PHE A 43 -1.84 -8.92 0.16
C PHE A 43 -1.67 -8.26 -1.19
N GLN A 44 -0.93 -7.15 -1.20
CA GLN A 44 -0.62 -6.43 -2.42
C GLN A 44 0.76 -5.81 -2.26
N ASN A 45 1.75 -6.42 -2.91
CA ASN A 45 3.11 -5.95 -2.86
C ASN A 45 3.44 -5.04 -4.04
N HIS A 46 3.95 -3.85 -3.75
CA HIS A 46 4.30 -2.90 -4.79
C HIS A 46 5.80 -2.58 -4.78
N VAL A 47 6.30 -2.22 -5.95
CA VAL A 47 7.66 -1.76 -6.12
C VAL A 47 7.48 -0.31 -6.63
N GLN A 48 8.14 0.65 -6.00
CA GLN A 48 8.00 2.00 -6.50
C GLN A 48 8.79 2.16 -7.78
N ILE A 49 8.14 2.71 -8.80
CA ILE A 49 8.84 2.92 -10.06
C ILE A 49 9.13 4.37 -10.36
N GLY A 50 8.37 5.28 -9.76
CA GLY A 50 8.54 6.69 -10.06
C GLY A 50 7.86 7.68 -9.12
N VAL A 51 7.77 8.93 -9.56
CA VAL A 51 7.12 9.99 -8.83
C VAL A 51 6.32 10.88 -9.76
N LEU A 52 5.09 11.20 -9.39
CA LEU A 52 4.30 12.14 -10.19
C LEU A 52 4.91 13.52 -9.91
N PRO A 53 5.49 14.16 -10.95
CA PRO A 53 6.16 15.48 -11.02
C PRO A 53 5.34 16.75 -10.89
N PHE A 54 4.08 16.70 -11.26
CA PHE A 54 3.19 17.89 -11.17
C PHE A 54 3.79 19.01 -12.01
N GLY A 55 4.00 18.74 -13.29
CA GLY A 55 4.62 19.73 -14.14
C GLY A 55 6.11 19.64 -13.89
N GLU A 56 6.64 20.64 -13.22
CA GLU A 56 8.05 20.60 -12.90
C GLU A 56 8.29 21.04 -11.47
N ARG A 57 7.37 20.65 -10.61
CA ARG A 57 7.44 20.93 -9.19
C ARG A 57 8.52 20.02 -8.67
N PHE A 58 8.62 18.87 -9.31
CA PHE A 58 9.63 17.84 -9.03
C PHE A 58 10.31 17.53 -10.35
N GLY A 59 11.19 18.43 -10.78
CA GLY A 59 11.90 18.31 -12.04
C GLY A 59 12.82 17.10 -12.18
N GLY A 60 13.49 16.69 -11.11
CA GLY A 60 14.38 15.55 -11.21
C GLY A 60 13.65 14.24 -11.26
N ALA A 61 12.33 14.29 -11.16
CA ALA A 61 11.56 13.04 -11.12
C ALA A 61 10.69 12.81 -12.35
N LYS A 62 10.32 11.56 -12.54
CA LYS A 62 9.47 11.14 -13.63
C LYS A 62 8.69 9.93 -13.19
N MET A 63 7.63 9.59 -13.91
CA MET A 63 6.80 8.46 -13.50
C MET A 63 7.51 7.14 -13.56
N ASP A 64 8.52 7.05 -14.40
CA ASP A 64 9.32 5.83 -14.47
C ASP A 64 10.78 6.22 -14.31
N MET A 65 11.33 5.96 -13.12
CA MET A 65 12.72 6.29 -12.81
C MET A 65 13.53 5.00 -12.56
N THR A 66 12.92 3.86 -12.87
CA THR A 66 13.56 2.58 -12.65
C THR A 66 14.93 2.47 -13.32
N LYS A 67 15.12 3.15 -14.46
CA LYS A 67 16.39 3.09 -15.19
C LYS A 67 17.50 3.97 -14.60
N GLU A 68 17.13 4.94 -13.78
CA GLU A 68 18.12 5.86 -13.21
C GLU A 68 18.26 5.87 -11.68
N SER A 69 17.38 5.20 -10.95
CA SER A 69 17.44 5.22 -9.49
C SER A 69 18.47 4.21 -8.90
N SER A 70 19.17 4.60 -7.85
CA SER A 70 20.15 3.68 -7.23
C SER A 70 19.54 2.83 -6.13
N THR A 71 18.40 3.24 -5.60
CA THR A 71 17.72 2.45 -4.60
C THR A 71 16.29 2.19 -5.12
N VAL A 72 15.57 1.29 -4.46
CA VAL A 72 14.21 1.00 -4.87
C VAL A 72 13.39 0.82 -3.58
N ARG A 73 12.22 1.46 -3.52
CA ARG A 73 11.35 1.28 -2.36
C ARG A 73 10.23 0.28 -2.65
N VAL A 74 9.98 -0.59 -1.68
CA VAL A 74 8.92 -1.54 -1.81
C VAL A 74 7.82 -1.10 -0.84
N LEU A 75 6.58 -1.44 -1.15
CA LEU A 75 5.45 -1.10 -0.30
C LEU A 75 4.59 -2.34 -0.30
N GLN A 76 4.71 -3.14 0.76
CA GLN A 76 4.00 -4.40 0.87
C GLN A 76 2.79 -4.28 1.78
N TYR A 77 1.63 -4.46 1.16
CA TYR A 77 0.32 -4.43 1.80
C TYR A 77 -0.10 -5.84 2.26
N THR A 78 -0.36 -6.00 3.55
CA THR A 78 -0.88 -7.26 4.04
C THR A 78 -2.24 -6.89 4.64
N MET A 79 -3.26 -7.69 4.34
CA MET A 79 -4.60 -7.40 4.80
C MET A 79 -5.05 -8.27 5.96
N TRP A 80 -5.69 -7.65 6.95
CA TRP A 80 -6.13 -8.35 8.15
C TRP A 80 -7.57 -8.08 8.57
N LYS A 81 -8.22 -9.11 9.10
CA LYS A 81 -9.59 -8.99 9.59
C LYS A 81 -9.54 -7.98 10.71
N ASP A 82 -8.51 -8.11 11.53
CA ASP A 82 -8.27 -7.24 12.66
C ASP A 82 -6.77 -7.01 12.75
N TRP A 83 -6.37 -5.74 12.87
CA TRP A 83 -4.95 -5.40 12.93
C TRP A 83 -4.18 -6.11 14.04
N LYS A 84 -4.87 -6.52 15.10
CA LYS A 84 -4.17 -7.23 16.18
C LYS A 84 -3.71 -8.59 15.67
N ASP A 85 -4.36 -9.08 14.62
CA ASP A 85 -3.98 -10.37 14.04
C ASP A 85 -2.57 -10.27 13.46
N HIS A 86 -2.28 -9.13 12.85
CA HIS A 86 -1.00 -8.89 12.25
C HIS A 86 0.14 -8.98 13.27
N GLU A 87 -0.02 -8.28 14.39
CA GLU A 87 0.99 -8.28 15.47
C GLU A 87 1.25 -9.68 15.98
N GLU A 88 0.18 -10.45 16.07
CA GLU A 88 0.21 -11.81 16.59
C GLU A 88 0.82 -12.82 15.63
N MET A 89 0.77 -12.56 14.33
CA MET A 89 1.40 -13.45 13.34
C MET A 89 2.92 -13.23 13.43
N HIS A 90 3.26 -11.96 13.60
CA HIS A 90 4.64 -11.56 13.72
C HIS A 90 5.25 -12.22 14.94
N ARG A 91 4.50 -12.26 16.03
CA ARG A 91 4.98 -12.86 17.27
C ARG A 91 5.07 -14.39 17.23
N GLN A 92 4.00 -15.02 16.73
CA GLN A 92 3.92 -16.48 16.59
C GLN A 92 4.98 -17.06 15.67
N ASN A 93 5.20 -16.40 14.54
CA ASN A 93 6.16 -16.87 13.55
C ASN A 93 7.41 -16.02 13.43
N TRP A 94 7.93 -15.59 14.59
CA TRP A 94 9.12 -14.73 14.65
C TRP A 94 10.43 -15.35 14.17
N SER A 95 10.70 -16.60 14.55
CA SER A 95 11.96 -17.23 14.14
C SER A 95 12.06 -17.39 12.62
N TYR A 96 10.94 -17.69 11.95
CA TYR A 96 10.99 -17.79 10.49
C TYR A 96 11.05 -16.38 9.91
N LEU A 97 10.00 -15.61 10.22
CA LEU A 97 9.86 -14.23 9.79
C LEU A 97 11.14 -13.41 9.87
N PHE A 98 11.74 -13.39 11.05
CA PHE A 98 12.95 -12.62 11.28
C PHE A 98 14.18 -13.14 10.50
N ARG A 99 14.50 -14.42 10.62
CA ARG A 99 15.66 -14.95 9.92
C ARG A 99 15.53 -14.77 8.42
N LEU A 100 14.27 -14.64 7.98
CA LEU A 100 13.93 -14.46 6.58
C LEU A 100 14.16 -13.02 6.12
N CYS A 101 13.62 -12.07 6.85
CA CYS A 101 13.80 -10.66 6.48
C CYS A 101 15.20 -10.15 6.73
N TYR A 102 16.06 -10.99 7.31
CA TYR A 102 17.43 -10.56 7.55
C TYR A 102 18.28 -10.84 6.34
N SER A 103 18.07 -12.01 5.74
CA SER A 103 18.81 -12.41 4.56
C SER A 103 18.93 -11.25 3.56
N CYS A 104 18.02 -10.28 3.66
CA CYS A 104 18.05 -9.10 2.79
C CYS A 104 18.60 -7.89 3.53
N ALA A 105 19.39 -8.10 4.58
CA ALA A 105 19.97 -6.96 5.29
C ALA A 105 21.07 -6.34 4.43
N SER A 106 21.86 -7.23 3.84
CA SER A 106 22.95 -6.86 2.97
C SER A 106 22.49 -5.89 1.88
N GLN A 107 21.16 -5.77 1.69
CA GLN A 107 20.63 -4.91 0.63
C GLN A 107 19.82 -3.71 1.13
N MET A 108 19.64 -3.63 2.45
CA MET A 108 18.87 -2.56 3.09
C MET A 108 19.56 -1.19 3.20
N VAL A 109 18.84 -0.14 2.87
CA VAL A 109 19.39 1.22 3.00
C VAL A 109 18.57 1.95 4.07
N TRP A 110 17.32 1.54 4.21
CA TRP A 110 16.41 2.12 5.19
C TRP A 110 15.22 1.18 5.36
N GLY A 111 14.61 1.21 6.53
CA GLY A 111 13.48 0.33 6.82
C GLY A 111 13.97 -0.82 7.64
N PRO A 112 13.11 -1.77 8.01
CA PRO A 112 11.68 -1.78 7.68
C PRO A 112 10.86 -0.84 8.54
N TRP A 113 9.75 -0.36 7.98
CA TRP A 113 8.85 0.56 8.67
C TRP A 113 7.45 0.12 8.25
N GLU A 114 6.71 -0.42 9.22
CA GLU A 114 5.40 -0.95 8.96
C GLU A 114 4.22 -0.32 9.68
N PRO A 115 3.78 0.83 9.18
CA PRO A 115 2.63 1.53 9.78
C PRO A 115 1.32 0.71 9.55
N ILE A 116 0.32 0.89 10.41
CA ILE A 116 -0.95 0.17 10.29
C ILE A 116 -2.05 1.14 9.89
N TYR A 117 -2.90 0.74 8.95
CA TYR A 117 -3.95 1.62 8.46
C TYR A 117 -5.34 1.04 8.54
N GLU A 118 -6.30 1.95 8.61
CA GLU A 118 -7.70 1.61 8.63
C GLU A 118 -8.25 2.29 7.39
N ILE A 119 -9.25 1.66 6.77
CA ILE A 119 -9.85 2.18 5.56
C ILE A 119 -11.05 3.08 5.78
N LYS A 120 -10.96 4.33 5.32
CA LYS A 120 -12.07 5.28 5.45
C LYS A 120 -13.04 5.15 4.29
N TYR A 121 -12.51 4.79 3.13
CA TYR A 121 -13.29 4.62 1.90
C TYR A 121 -12.59 3.59 1.04
N ALA A 122 -13.38 2.83 0.29
CA ALA A 122 -12.80 1.81 -0.54
C ALA A 122 -13.69 1.46 -1.72
N ASP A 123 -13.15 1.64 -2.92
CA ASP A 123 -13.88 1.31 -4.12
C ASP A 123 -12.89 0.53 -4.96
N MET A 124 -12.68 -0.73 -4.57
CA MET A 124 -11.75 -1.62 -5.24
C MET A 124 -12.47 -2.85 -5.78
N PRO A 125 -12.31 -3.14 -7.08
CA PRO A 125 -12.94 -4.29 -7.73
C PRO A 125 -12.12 -5.56 -7.61
N ILE A 126 -12.69 -6.70 -8.03
CA ILE A 126 -11.96 -7.97 -8.03
C ILE A 126 -11.09 -7.98 -9.28
N ASN A 127 -9.83 -8.37 -9.12
CA ASN A 127 -8.92 -8.42 -10.26
C ASN A 127 -9.29 -9.53 -11.23
N THR A 128 -9.35 -9.18 -12.51
CA THR A 128 -9.62 -10.14 -13.56
C THR A 128 -8.57 -9.96 -14.65
N GLU A 129 -8.30 -11.05 -15.36
CA GLU A 129 -7.39 -11.02 -16.50
C GLU A 129 -8.29 -10.81 -17.73
N MET A 130 -7.70 -10.41 -18.85
CA MET A 130 -8.50 -10.19 -20.06
C MET A 130 -9.19 -11.46 -20.54
N THR A 131 -8.74 -12.61 -20.03
CA THR A 131 -9.30 -13.91 -20.41
C THR A 131 -10.57 -14.27 -19.61
N ASP A 132 -10.79 -13.61 -18.48
CA ASP A 132 -11.94 -13.87 -17.61
C ASP A 132 -13.21 -13.10 -17.97
N PHE A 133 -13.07 -11.89 -18.50
CA PHE A 133 -14.22 -11.03 -18.82
C PHE A 133 -15.43 -11.63 -19.56
N THR A 134 -15.25 -12.67 -20.36
CA THR A 134 -16.41 -13.25 -21.04
C THR A 134 -17.37 -13.92 -20.04
N ALA A 135 -16.77 -14.66 -19.11
CA ALA A 135 -17.48 -15.40 -18.07
C ALA A 135 -18.00 -14.48 -16.97
N VAL A 136 -17.30 -13.37 -16.72
CA VAL A 136 -17.76 -12.42 -15.70
C VAL A 136 -19.00 -11.68 -16.23
N VAL A 137 -18.99 -11.42 -17.53
CA VAL A 137 -20.11 -10.78 -18.19
C VAL A 137 -21.27 -11.79 -18.28
N GLY A 138 -20.92 -13.06 -18.42
CA GLY A 138 -21.92 -14.10 -18.51
C GLY A 138 -22.59 -14.48 -17.20
N LYS A 139 -21.85 -14.39 -16.10
CA LYS A 139 -22.40 -14.77 -14.80
C LYS A 139 -23.35 -13.70 -14.26
N LYS A 140 -22.94 -12.45 -14.40
CA LYS A 140 -23.70 -11.32 -13.89
C LYS A 140 -25.01 -11.10 -14.63
N PHE A 141 -25.04 -11.44 -15.93
CA PHE A 141 -26.27 -11.30 -16.72
C PHE A 141 -27.20 -12.44 -16.32
N ALA A 142 -26.58 -13.57 -16.03
CA ALA A 142 -27.27 -14.76 -15.60
C ALA A 142 -28.04 -14.50 -14.32
N GLU A 143 -27.56 -13.56 -13.50
CA GLU A 143 -28.26 -13.24 -12.25
C GLU A 143 -28.85 -11.85 -12.32
N GLY A 144 -28.94 -11.35 -13.52
CA GLY A 144 -29.49 -10.03 -13.68
C GLY A 144 -28.85 -9.05 -12.74
N LYS A 145 -27.52 -8.93 -12.86
CA LYS A 145 -26.74 -7.98 -12.04
C LYS A 145 -25.62 -7.25 -12.82
N PRO A 146 -25.97 -6.65 -13.99
CA PRO A 146 -25.05 -5.93 -14.87
C PRO A 146 -24.27 -4.82 -14.23
N LEU A 147 -24.83 -4.22 -13.19
CA LEU A 147 -24.13 -3.14 -12.50
C LEU A 147 -22.94 -3.65 -11.69
N GLU A 148 -22.95 -4.95 -11.47
CA GLU A 148 -21.90 -5.59 -10.73
C GLU A 148 -20.77 -6.00 -11.67
N ILE A 149 -20.91 -5.75 -12.96
CA ILE A 149 -19.81 -6.06 -13.89
C ILE A 149 -18.80 -4.90 -13.82
N PRO A 150 -17.57 -5.17 -13.37
CA PRO A 150 -16.55 -4.12 -13.25
C PRO A 150 -15.59 -3.94 -14.42
N VAL A 151 -14.76 -2.91 -14.31
CA VAL A 151 -13.70 -2.65 -15.25
C VAL A 151 -12.74 -3.82 -15.08
N ILE A 152 -11.87 -4.01 -16.05
CA ILE A 152 -10.93 -5.10 -15.95
C ILE A 152 -9.67 -4.58 -15.28
N SER A 153 -9.50 -4.89 -14.00
CA SER A 153 -8.30 -4.48 -13.27
C SER A 153 -7.32 -5.66 -13.29
N GLN A 154 -6.38 -5.66 -14.24
CA GLN A 154 -5.44 -6.78 -14.37
C GLN A 154 -4.47 -6.96 -13.21
N PRO A 155 -4.29 -8.21 -12.77
CA PRO A 155 -3.39 -8.55 -11.67
C PRO A 155 -1.95 -8.83 -12.11
N TYR A 156 -1.06 -8.87 -11.13
CA TYR A 156 0.36 -9.20 -11.32
C TYR A 156 1.18 -8.27 -12.21
N GLY A 157 1.26 -7.00 -11.84
CA GLY A 157 2.05 -6.03 -12.59
C GLY A 157 1.46 -5.43 -13.85
N LYS A 158 0.15 -5.56 -14.07
CA LYS A 158 -0.45 -5.03 -15.30
C LYS A 158 -1.37 -3.82 -15.13
N ARG A 159 -1.02 -2.98 -14.16
CA ARG A 159 -1.71 -1.73 -13.89
C ARG A 159 -0.82 -0.93 -12.96
N VAL A 160 -1.00 0.38 -12.90
CA VAL A 160 -0.19 1.21 -12.03
C VAL A 160 -1.03 1.76 -10.88
N VAL A 161 -0.34 2.17 -9.82
CA VAL A 161 -0.99 2.74 -8.68
C VAL A 161 -0.34 4.07 -8.33
N ALA A 162 -1.18 5.04 -8.01
CA ALA A 162 -0.74 6.34 -7.53
C ALA A 162 -0.87 6.21 -6.00
N PHE A 163 0.24 6.42 -5.31
CA PHE A 163 0.30 6.29 -3.85
C PHE A 163 0.59 7.67 -3.27
N GLY A 164 -0.46 8.42 -2.94
CA GLY A 164 -0.29 9.78 -2.47
C GLY A 164 -0.22 9.98 -0.97
N GLU A 165 0.81 10.70 -0.51
CA GLU A 165 1.01 10.94 0.92
C GLU A 165 0.47 12.31 1.35
N HIS A 166 -0.35 12.30 2.42
CA HIS A 166 -0.96 13.50 2.97
C HIS A 166 -0.91 13.53 4.50
N THR A 167 -0.51 14.66 5.05
CA THR A 167 -0.55 14.86 6.50
C THR A 167 -1.49 16.04 6.71
N VAL A 168 -2.52 15.81 7.51
CA VAL A 168 -3.56 16.79 7.74
C VAL A 168 -3.48 17.63 8.99
N ILE A 169 -3.82 18.92 8.85
CA ILE A 169 -3.86 19.88 9.96
C ILE A 169 -4.86 19.38 11.01
N PRO A 170 -4.44 19.29 12.27
CA PRO A 170 -5.36 18.79 13.32
C PRO A 170 -6.64 19.62 13.46
N GLY A 171 -7.79 18.94 13.34
CA GLY A 171 -9.05 19.66 13.40
C GLY A 171 -9.64 19.82 12.03
N LYS A 172 -8.85 19.45 11.03
CA LYS A 172 -9.26 19.58 9.63
C LYS A 172 -9.62 18.25 9.03
N GLU A 173 -9.50 17.17 9.81
CA GLU A 173 -9.73 15.80 9.33
C GLU A 173 -11.05 15.54 8.58
N GLU A 174 -12.17 16.08 9.04
CA GLU A 174 -13.45 15.84 8.37
C GLU A 174 -13.58 16.45 6.98
N GLN A 175 -13.10 17.68 6.83
CA GLN A 175 -13.15 18.42 5.56
C GLN A 175 -12.32 17.69 4.53
N PHE A 176 -11.16 17.20 4.98
CA PHE A 176 -10.22 16.48 4.12
C PHE A 176 -10.80 15.15 3.61
N GLU A 177 -11.24 14.30 4.53
CA GLU A 177 -11.80 13.00 4.15
C GLU A 177 -12.99 13.17 3.22
N ASP A 178 -13.85 14.13 3.54
CA ASP A 178 -15.05 14.39 2.74
C ASP A 178 -14.74 14.84 1.33
N ALA A 179 -13.77 15.73 1.18
CA ALA A 179 -13.37 16.23 -0.15
C ALA A 179 -12.62 15.16 -0.94
N ILE A 180 -11.75 14.40 -0.28
CA ILE A 180 -11.01 13.33 -0.94
C ILE A 180 -11.95 12.23 -1.42
N ILE A 181 -12.85 11.78 -0.53
CA ILE A 181 -13.80 10.73 -0.85
C ILE A 181 -14.64 11.07 -2.07
N LYS A 182 -15.04 12.34 -2.16
CA LYS A 182 -15.87 12.76 -3.26
C LYS A 182 -15.03 12.89 -4.52
N THR A 183 -13.73 13.07 -4.35
CA THR A 183 -12.81 13.16 -5.50
C THR A 183 -12.61 11.79 -6.10
N LEU A 184 -12.55 10.79 -5.23
CA LEU A 184 -12.36 9.42 -5.66
C LEU A 184 -13.62 8.89 -6.32
N GLU A 185 -14.74 9.56 -6.09
CA GLU A 185 -16.01 9.12 -6.68
C GLU A 185 -16.16 9.75 -8.05
N MET A 186 -15.65 10.96 -8.17
CA MET A 186 -15.67 11.66 -9.44
C MET A 186 -14.66 11.02 -10.40
N PHE A 187 -13.66 10.34 -9.82
CA PHE A 187 -12.63 9.68 -10.59
C PHE A 187 -13.17 8.51 -11.41
N LYS A 188 -14.42 8.13 -11.15
CA LYS A 188 -15.01 7.01 -11.87
C LYS A 188 -15.41 7.42 -13.28
N ARG A 189 -15.41 8.73 -13.51
CA ARG A 189 -15.73 9.25 -14.81
C ARG A 189 -14.50 9.29 -15.72
N ALA A 190 -13.34 9.10 -15.13
CA ALA A 190 -12.09 9.08 -15.85
C ALA A 190 -11.80 7.73 -16.47
N PRO A 191 -11.33 7.73 -17.72
CA PRO A 191 -11.01 6.47 -18.40
C PRO A 191 -9.76 5.82 -17.81
N GLY A 192 -9.73 4.50 -17.75
CA GLY A 192 -8.56 3.83 -17.21
C GLY A 192 -8.54 3.75 -15.69
N PHE A 193 -9.61 4.22 -15.06
CA PHE A 193 -9.72 4.23 -13.59
C PHE A 193 -10.05 2.84 -13.05
N LEU A 194 -9.19 2.24 -12.23
CA LEU A 194 -9.44 0.89 -11.71
C LEU A 194 -9.82 0.81 -10.23
N GLY A 195 -10.01 1.95 -9.57
CA GLY A 195 -10.41 1.91 -8.16
C GLY A 195 -9.55 2.75 -7.25
N ALA A 196 -9.94 2.87 -5.98
CA ALA A 196 -9.21 3.68 -5.03
C ALA A 196 -9.72 3.49 -3.61
N MET A 197 -8.96 4.01 -2.66
CA MET A 197 -9.33 3.92 -1.28
C MET A 197 -8.52 4.92 -0.47
N LEU A 198 -9.16 5.50 0.54
CA LEU A 198 -8.50 6.44 1.43
C LEU A 198 -7.98 5.65 2.62
N LEU A 199 -6.73 5.85 3.01
CA LEU A 199 -6.15 5.10 4.13
C LEU A 199 -5.76 6.03 5.25
N LYS A 200 -6.05 5.61 6.47
CA LYS A 200 -5.71 6.44 7.63
C LYS A 200 -4.81 5.68 8.60
N GLU A 201 -3.67 6.27 8.94
CA GLU A 201 -2.69 5.62 9.82
C GLU A 201 -3.19 5.61 11.26
N ILE A 202 -3.22 4.43 11.88
CA ILE A 202 -3.69 4.34 13.26
C ILE A 202 -2.63 3.82 14.23
N GLY A 203 -1.40 3.69 13.75
CA GLY A 203 -0.32 3.19 14.57
C GLY A 203 0.80 2.59 13.74
N VAL A 204 1.83 2.10 14.41
CA VAL A 204 2.93 1.49 13.74
C VAL A 204 3.27 0.18 14.41
N SER A 205 3.49 -0.86 13.62
CA SER A 205 3.88 -2.15 14.15
C SER A 205 5.36 -2.11 14.49
N GLY A 206 5.69 -1.90 15.76
CA GLY A 206 7.08 -1.81 16.14
C GLY A 206 7.90 -3.04 15.83
N ILE A 207 7.30 -4.21 15.96
CA ILE A 207 7.99 -5.47 15.71
C ILE A 207 8.20 -5.66 14.21
N GLY A 208 7.35 -5.05 13.40
CA GLY A 208 7.49 -5.17 11.96
C GLY A 208 8.48 -4.16 11.42
N SER A 209 8.79 -3.17 12.25
CA SER A 209 9.74 -2.11 11.90
C SER A 209 11.09 -2.40 12.56
N PHE A 210 11.21 -3.58 13.15
CA PHE A 210 12.44 -3.94 13.85
C PHE A 210 12.80 -2.87 14.87
N GLN A 211 11.81 -2.52 15.68
CA GLN A 211 11.96 -1.51 16.70
C GLN A 211 11.71 -2.12 18.05
N PHE A 212 12.82 -2.48 18.69
CA PHE A 212 12.82 -3.12 20.00
C PHE A 212 13.39 -2.17 21.04
N GLY A 213 13.51 -2.65 22.27
CA GLY A 213 14.11 -1.86 23.32
C GLY A 213 15.61 -2.07 23.28
N SER A 214 16.33 -1.51 24.24
CA SER A 214 17.79 -1.62 24.28
C SER A 214 18.27 -3.03 23.93
N LYS A 215 17.69 -4.02 24.59
CA LYS A 215 18.05 -5.42 24.41
C LYS A 215 17.87 -5.93 22.98
N GLY A 216 16.66 -5.81 22.45
CA GLY A 216 16.44 -6.26 21.09
C GLY A 216 17.35 -5.56 20.08
N PHE A 217 17.51 -4.26 20.26
CA PHE A 217 18.35 -3.44 19.40
C PHE A 217 19.68 -4.13 19.21
N HIS A 218 20.23 -4.57 20.33
CA HIS A 218 21.53 -5.22 20.37
C HIS A 218 21.54 -6.58 19.70
N GLN A 219 20.49 -7.38 19.86
CA GLN A 219 20.47 -8.69 19.18
C GLN A 219 20.25 -8.50 17.68
N LEU A 220 19.63 -7.39 17.34
CA LEU A 220 19.37 -7.02 15.97
C LEU A 220 20.71 -6.74 15.28
N LEU A 221 21.54 -5.88 15.87
CA LEU A 221 22.83 -5.49 15.31
C LEU A 221 23.88 -6.57 15.45
N GLU A 222 23.70 -7.49 16.41
CA GLU A 222 24.67 -8.59 16.63
C GLU A 222 24.26 -9.91 15.98
N SER A 223 23.10 -9.94 15.33
CA SER A 223 22.59 -11.16 14.71
C SER A 223 23.39 -11.79 13.58
N PRO A 224 23.66 -13.09 13.67
CA PRO A 224 24.41 -13.83 12.65
C PRO A 224 23.43 -14.28 11.57
N GLY A 225 22.14 -14.08 11.83
CA GLY A 225 21.11 -14.48 10.90
C GLY A 225 20.35 -15.70 11.35
N SER A 226 20.89 -16.42 12.33
CA SER A 226 20.26 -17.64 12.84
C SER A 226 19.73 -17.55 14.27
N LEU A 227 19.49 -16.33 14.74
CA LEU A 227 18.96 -16.09 16.09
C LEU A 227 18.10 -14.81 16.04
N GLU A 228 16.94 -14.81 16.70
CA GLU A 228 16.07 -13.64 16.69
C GLU A 228 16.17 -12.82 17.95
N PRO A 229 15.79 -11.55 17.85
CA PRO A 229 15.80 -10.63 19.00
C PRO A 229 14.53 -11.06 19.78
N ASP A 230 14.49 -10.84 21.08
CA ASP A 230 13.30 -11.19 21.86
C ASP A 230 12.10 -10.39 21.35
N PRO A 231 11.09 -11.07 20.80
CA PRO A 231 9.94 -10.32 20.30
C PRO A 231 9.10 -9.62 21.34
N ASN A 232 9.30 -9.97 22.60
CA ASN A 232 8.52 -9.34 23.66
C ASN A 232 9.25 -8.10 24.13
N ASN A 233 10.37 -7.80 23.49
CA ASN A 233 11.15 -6.62 23.82
C ASN A 233 10.70 -5.43 23.01
N VAL A 234 9.49 -5.49 22.47
CA VAL A 234 8.97 -4.33 21.74
C VAL A 234 8.33 -3.49 22.86
N MET A 235 8.84 -2.29 23.04
CA MET A 235 8.44 -1.38 24.12
C MET A 235 7.16 -0.58 24.00
N TYR A 236 6.50 -0.64 22.86
CA TYR A 236 5.27 0.12 22.72
C TYR A 236 4.24 -0.66 21.95
N GLN A 237 3.00 -0.20 21.96
CA GLN A 237 1.94 -0.88 21.24
C GLN A 237 1.54 -0.04 20.04
N ALA A 238 1.23 -0.73 18.95
CA ALA A 238 0.89 -0.08 17.70
C ALA A 238 0.25 1.32 17.81
N PRO A 239 -0.89 1.44 18.54
CA PRO A 239 -1.61 2.71 18.72
C PRO A 239 -0.84 3.81 19.39
N GLU A 240 0.13 3.46 20.22
CA GLU A 240 0.92 4.51 20.90
C GLU A 240 1.67 5.37 19.85
N ALA A 241 1.80 4.81 18.66
CA ALA A 241 2.49 5.47 17.56
C ALA A 241 1.50 6.06 16.56
N LYS A 242 0.25 6.24 16.95
CA LYS A 242 -0.67 6.92 16.05
C LYS A 242 -0.10 8.35 16.01
N PRO A 243 0.14 8.89 14.79
CA PRO A 243 0.70 10.23 14.70
C PRO A 243 -0.28 11.41 14.68
N THR A 244 0.15 12.54 15.23
CA THR A 244 -0.55 13.80 15.17
C THR A 244 0.53 14.75 14.75
N PRO A 245 0.34 15.46 13.63
CA PRO A 245 -0.86 15.47 12.85
C PRO A 245 -1.25 14.12 12.21
N PRO A 246 -2.53 13.93 11.84
CA PRO A 246 -3.07 12.71 11.22
C PRO A 246 -2.40 12.47 9.85
N GLN A 247 -2.20 11.21 9.48
CA GLN A 247 -1.57 10.87 8.19
C GLN A 247 -2.40 9.94 7.36
N TYR A 248 -2.57 10.30 6.08
CA TYR A 248 -3.38 9.56 5.13
C TYR A 248 -2.62 9.07 3.88
N ILE A 249 -3.27 8.17 3.16
CA ILE A 249 -2.75 7.64 1.92
C ILE A 249 -3.90 7.55 0.97
N VAL A 250 -3.84 8.30 -0.11
CA VAL A 250 -4.87 8.22 -1.15
C VAL A 250 -4.29 7.29 -2.23
N HIS A 251 -4.75 6.05 -2.18
CA HIS A 251 -4.32 4.98 -3.05
C HIS A 251 -5.30 4.91 -4.22
N VAL A 252 -4.82 5.15 -5.44
CA VAL A 252 -5.68 5.16 -6.62
C VAL A 252 -5.08 4.34 -7.74
N GLU A 253 -5.84 3.38 -8.26
CA GLU A 253 -5.35 2.52 -9.35
C GLU A 253 -5.80 2.98 -10.73
N TRP A 254 -4.89 2.86 -11.71
CA TRP A 254 -5.15 3.25 -13.09
C TRP A 254 -4.68 2.20 -14.09
N ALA A 255 -5.21 2.26 -15.31
CA ALA A 255 -4.85 1.31 -16.36
C ALA A 255 -3.39 1.45 -16.79
N ASN A 256 -2.93 2.69 -16.95
CA ASN A 256 -1.57 2.96 -17.39
C ASN A 256 -1.04 4.27 -16.80
N LEU A 257 0.23 4.59 -17.09
CA LEU A 257 0.83 5.80 -16.56
C LEU A 257 0.19 7.08 -17.11
N ASP A 258 -0.45 6.99 -18.27
CA ASP A 258 -1.11 8.17 -18.85
C ASP A 258 -2.51 8.37 -18.27
N ALA A 259 -3.23 7.26 -18.09
CA ALA A 259 -4.56 7.32 -17.52
C ALA A 259 -4.41 7.89 -16.12
N LEU A 260 -3.34 7.51 -15.44
CA LEU A 260 -3.03 7.98 -14.10
C LEU A 260 -2.72 9.48 -14.12
N GLN A 261 -1.81 9.85 -15.01
CA GLN A 261 -1.35 11.22 -15.16
C GLN A 261 -2.49 12.20 -15.47
N PHE A 262 -3.32 11.86 -16.44
CA PHE A 262 -4.42 12.74 -16.84
C PHE A 262 -5.71 12.53 -16.09
N GLY A 263 -5.84 11.38 -15.43
CA GLY A 263 -7.02 11.11 -14.63
C GLY A 263 -6.96 11.91 -13.36
N MET A 264 -5.84 11.78 -12.66
CA MET A 264 -5.60 12.52 -11.43
C MET A 264 -5.51 13.98 -11.81
N GLY A 265 -4.68 14.25 -12.81
CA GLY A 265 -4.48 15.60 -13.29
C GLY A 265 -5.78 16.35 -13.44
N ARG A 266 -6.87 15.58 -13.37
CA ARG A 266 -8.23 16.10 -13.50
C ARG A 266 -8.57 17.10 -12.37
N VAL A 267 -8.03 16.86 -11.18
CA VAL A 267 -8.28 17.77 -10.07
C VAL A 267 -7.57 19.09 -10.32
N LEU A 268 -6.81 19.12 -11.43
CA LEU A 268 -6.06 20.29 -11.85
C LEU A 268 -6.57 20.89 -13.17
N LEU A 269 -7.09 20.02 -14.04
CA LEU A 269 -7.55 20.42 -15.38
C LEU A 269 -9.05 20.60 -15.54
N SER A 270 -9.86 19.94 -14.73
CA SER A 270 -11.32 20.10 -14.84
C SER A 270 -11.84 21.03 -13.74
N PRO A 271 -12.54 22.11 -14.13
CA PRO A 271 -13.06 23.06 -13.12
C PRO A 271 -13.95 22.37 -12.09
N GLU A 272 -14.82 21.49 -12.57
CA GLU A 272 -15.73 20.73 -11.71
C GLU A 272 -14.95 20.01 -10.60
N TYR A 273 -13.95 19.22 -11.02
CA TYR A 273 -13.08 18.45 -10.12
C TYR A 273 -12.23 19.34 -9.24
N ARG A 274 -11.58 20.29 -9.89
CA ARG A 274 -10.67 21.20 -9.26
C ARG A 274 -11.20 22.00 -8.08
N GLU A 275 -12.51 22.19 -8.02
CA GLU A 275 -13.12 22.99 -6.96
C GLU A 275 -13.47 22.14 -5.75
N VAL A 276 -13.78 20.87 -5.98
CA VAL A 276 -14.05 19.94 -4.90
C VAL A 276 -12.75 19.58 -4.15
N HIS A 277 -11.70 19.39 -4.93
CA HIS A 277 -10.41 19.01 -4.44
C HIS A 277 -9.68 20.15 -3.74
N ASP A 278 -9.97 21.39 -4.10
CA ASP A 278 -9.27 22.51 -3.43
C ASP A 278 -9.52 22.54 -1.94
N GLU A 279 -10.63 21.96 -1.51
CA GLU A 279 -10.96 21.90 -0.09
C GLU A 279 -10.02 20.96 0.66
N ALA A 280 -9.63 19.87 0.01
CA ALA A 280 -8.72 18.91 0.61
C ALA A 280 -7.37 19.59 0.75
N LEU A 281 -7.02 20.36 -0.27
CA LEU A 281 -5.76 21.08 -0.31
C LEU A 281 -5.64 22.17 0.78
N ASP A 282 -6.77 22.57 1.37
CA ASP A 282 -6.77 23.63 2.41
C ASP A 282 -6.52 23.09 3.81
N THR A 283 -6.56 21.78 3.93
CA THR A 283 -6.38 21.13 5.21
C THR A 283 -5.01 20.46 5.38
N LEU A 284 -4.16 20.58 4.37
CA LEU A 284 -2.87 19.91 4.35
C LEU A 284 -1.66 20.52 5.02
N ILE A 285 -0.91 19.66 5.73
CA ILE A 285 0.35 20.05 6.39
C ILE A 285 1.48 19.57 5.47
N TYR A 286 1.27 18.39 4.89
CA TYR A 286 2.23 17.80 3.97
C TYR A 286 1.47 17.12 2.84
N GLY A 287 1.96 17.30 1.61
CA GLY A 287 1.33 16.68 0.46
C GLY A 287 0.74 17.65 -0.52
N PRO A 288 0.26 17.15 -1.66
CA PRO A 288 0.34 15.71 -1.86
C PRO A 288 1.62 15.24 -2.58
N TYR A 289 2.31 14.28 -2.00
CA TYR A 289 3.49 13.68 -2.63
C TYR A 289 2.98 12.38 -3.26
N ILE A 290 3.07 12.25 -4.57
CA ILE A 290 2.56 11.04 -5.18
C ILE A 290 3.60 10.10 -5.77
N ARG A 291 3.68 8.90 -5.22
CA ARG A 291 4.61 7.90 -5.71
C ARG A 291 3.87 7.01 -6.71
N ILE A 292 4.50 6.70 -7.83
CA ILE A 292 3.91 5.77 -8.77
C ILE A 292 4.44 4.39 -8.36
N ILE A 293 3.55 3.45 -8.07
CA ILE A 293 4.00 2.12 -7.67
C ILE A 293 3.36 1.00 -8.47
N ASN A 294 4.06 -0.12 -8.56
CA ASN A 294 3.62 -1.26 -9.35
C ASN A 294 3.23 -2.50 -8.55
N PRO A 295 1.95 -2.89 -8.63
CA PRO A 295 1.45 -4.07 -7.90
C PRO A 295 1.95 -5.38 -8.49
N VAL A 296 3.22 -5.69 -8.20
CA VAL A 296 3.92 -6.85 -8.73
C VAL A 296 3.39 -8.21 -8.28
N MET A 297 3.48 -8.52 -7.00
CA MET A 297 2.95 -9.78 -6.51
C MET A 297 1.80 -9.54 -5.57
N GLU A 298 0.70 -10.25 -5.78
CA GLU A 298 -0.44 -10.06 -4.91
C GLU A 298 -1.27 -11.30 -4.71
N GLY A 299 -2.14 -11.23 -3.71
CA GLY A 299 -3.11 -12.27 -3.41
C GLY A 299 -4.43 -11.55 -3.56
N THR A 300 -4.86 -11.46 -4.82
CA THR A 300 -6.08 -10.75 -5.21
C THR A 300 -7.33 -11.13 -4.43
N PHE A 301 -7.27 -12.21 -3.67
CA PHE A 301 -8.44 -12.66 -2.90
C PHE A 301 -8.73 -11.78 -1.71
N TRP A 302 -7.79 -10.91 -1.35
CA TRP A 302 -8.05 -10.00 -0.23
C TRP A 302 -9.24 -9.12 -0.61
N ARG A 303 -9.43 -8.97 -1.91
CA ARG A 303 -10.50 -8.18 -2.46
C ARG A 303 -11.82 -8.91 -2.35
N GLU A 304 -11.76 -10.24 -2.36
CA GLU A 304 -12.95 -11.09 -2.21
C GLU A 304 -13.51 -10.83 -0.81
N TYR A 305 -12.61 -10.59 0.12
CA TYR A 305 -12.99 -10.32 1.50
C TYR A 305 -13.57 -8.91 1.61
N LEU A 306 -12.86 -7.93 1.05
CA LEU A 306 -13.30 -6.53 1.10
C LEU A 306 -14.73 -6.36 0.59
N ASN A 307 -15.13 -7.20 -0.38
CA ASN A 307 -16.46 -7.09 -0.97
C ASN A 307 -17.56 -8.03 -0.53
N GLU A 308 -17.37 -8.71 0.60
CA GLU A 308 -18.40 -9.63 1.09
C GLU A 308 -19.67 -9.00 1.72
#